data_4TRP
#
_entry.id   4TRP
#
_cell.length_a   42.925
_cell.length_b   46.925
_cell.length_c   62.358
_cell.angle_alpha   110.81
_cell.angle_beta   92.80
_cell.angle_gamma   100.13
#
_symmetry.space_group_name_H-M   'P 1'
#
loop_
_entity.id
_entity.type
_entity.pdbx_description
1 polymer 'Heavy chain of monoclonal antibody against neuroblastoma associated antigen'
2 polymer 'Light chain of monoclonal antibody against neuroblastoma associated antigen'
3 water water
#
loop_
_entity_poly.entity_id
_entity_poly.type
_entity_poly.pdbx_seq_one_letter_code
_entity_poly.pdbx_strand_id
1 'polypeptide(L)'
;EVQLLQSGPELEKPGASVMISCKASGSSFTGYNMNWVRQNIGKSLEWIGAIDPYYGGTSYNQKFKGRATLTVDKSSSTAY
MHLKSLTSEDSAVYYCVSGMEYWGQGTSVTVSSAKTTAPSVYPLAPVCGDTTGSSVTLGCLVKGYFPEPVTLTWNSGSLS
SGVHTFPAVLQSDLYTLSSSVTVTSSTWPSQSITCNVAHPASSTKVDKKIEPRG
;
H
2 'polypeptide(L)'
;DVVMTQTPLSLPVSLGDQASISCRSSQSLVHRNGNTYLHWYLQKPGQSPKLLIHKVSNRFSGVPDRFSGSGSGTDFTLKI
SRVEAEDLGVYFCSQSTHVPPLTFGAGTKLELKRADAAPTVSIFPPSSEQLTSGGASVVCFLNNFYPKDINVKWKIDGSE
RQNGVLNSWTDQDSKDSTYSMSSTLTLTKDEYERHNSYTCEATHKTSTSPIVKSFNRNEC
;
L
#
# COMPACT_ATOMS: atom_id res chain seq x y z
N GLU A 1 3.48 7.64 -25.55
CA GLU A 1 2.85 8.01 -26.81
C GLU A 1 1.35 8.22 -26.65
N VAL A 2 0.65 7.23 -26.10
CA VAL A 2 -0.75 7.44 -25.74
C VAL A 2 -0.87 7.79 -24.27
N GLN A 3 -1.68 8.79 -23.97
CA GLN A 3 -1.96 9.21 -22.61
C GLN A 3 -3.36 8.76 -22.26
N LEU A 4 -3.51 8.18 -21.07
CA LEU A 4 -4.81 7.71 -20.62
C LEU A 4 -5.20 8.41 -19.34
N LEU A 5 -6.26 9.21 -19.41
CA LEU A 5 -6.74 9.91 -18.23
C LEU A 5 -7.96 9.22 -17.65
N GLN A 6 -7.84 8.71 -16.43
CA GLN A 6 -8.95 8.04 -15.77
C GLN A 6 -9.74 8.98 -14.87
N SER A 7 -11.00 8.62 -14.62
CA SER A 7 -11.85 9.38 -13.73
C SER A 7 -11.46 9.17 -12.27
N GLY A 8 -11.97 10.02 -11.40
CA GLY A 8 -11.56 10.07 -10.01
C GLY A 8 -12.14 8.98 -9.10
N PRO A 9 -11.79 9.04 -7.82
CA PRO A 9 -12.15 7.97 -6.88
C PRO A 9 -13.66 7.76 -6.78
N GLU A 10 -14.05 6.50 -6.62
CA GLU A 10 -15.44 6.10 -6.47
C GLU A 10 -15.64 5.43 -5.12
N LEU A 11 -16.83 5.63 -4.55
CA LEU A 11 -17.24 5.00 -3.30
C LEU A 11 -18.60 4.38 -3.56
N GLU A 12 -18.75 3.09 -3.27
CA GLU A 12 -20.01 2.40 -3.50
C GLU A 12 -20.31 1.43 -2.37
N LYS A 13 -21.59 1.14 -2.18
CA LYS A 13 -22.03 0.16 -1.19
C LYS A 13 -21.95 -1.25 -1.78
N PRO A 14 -21.81 -2.26 -0.91
CA PRO A 14 -21.89 -3.65 -1.39
C PRO A 14 -23.17 -3.87 -2.20
N GLY A 15 -23.04 -4.58 -3.32
CA GLY A 15 -24.18 -4.87 -4.16
C GLY A 15 -24.44 -3.83 -5.24
N ALA A 16 -23.82 -2.65 -5.10
CA ALA A 16 -23.98 -1.59 -6.08
C ALA A 16 -23.08 -1.81 -7.29
N SER A 17 -23.08 -0.84 -8.20
N SER A 17 -23.10 -0.85 -8.21
CA SER A 17 -22.23 -0.91 -9.38
CA SER A 17 -22.26 -0.88 -9.40
C SER A 17 -21.40 0.37 -9.54
C SER A 17 -21.34 0.34 -9.44
N VAL A 18 -20.31 0.25 -10.27
CA VAL A 18 -19.44 1.39 -10.53
C VAL A 18 -19.19 1.48 -12.03
N MET A 19 -19.04 2.70 -12.50
N MET A 19 -19.03 2.70 -12.52
CA MET A 19 -18.69 2.99 -13.89
CA MET A 19 -18.66 2.91 -13.91
C MET A 19 -17.49 3.90 -13.89
C MET A 19 -17.55 3.93 -14.03
N ILE A 20 -16.40 3.48 -14.52
CA ILE A 20 -15.23 4.32 -14.59
C ILE A 20 -14.81 4.58 -16.03
N SER A 21 -14.21 5.75 -16.26
CA SER A 21 -13.89 6.15 -17.62
C SER A 21 -12.38 6.30 -17.82
N CYS A 22 -11.98 6.22 -19.08
CA CYS A 22 -10.59 6.29 -19.48
C CYS A 22 -10.52 7.01 -20.82
N LYS A 23 -10.07 8.26 -20.79
CA LYS A 23 -10.01 9.12 -21.97
C LYS A 23 -8.63 9.03 -22.60
N ALA A 24 -8.58 8.58 -23.84
CA ALA A 24 -7.31 8.39 -24.55
C ALA A 24 -6.97 9.59 -25.44
N SER A 25 -5.68 9.95 -25.45
CA SER A 25 -5.19 10.95 -26.37
C SER A 25 -3.85 10.51 -26.94
N GLY A 26 -3.48 11.07 -28.09
CA GLY A 26 -2.30 10.63 -28.81
C GLY A 26 -2.68 9.65 -29.90
N SER A 27 -1.76 8.75 -30.24
CA SER A 27 -2.02 7.77 -31.28
C SER A 27 -1.14 6.53 -31.10
N TYR A 32 -5.33 0.00 -30.87
CA TYR A 32 -4.91 -0.99 -29.87
C TYR A 32 -6.07 -1.32 -28.94
N ASN A 33 -6.13 -2.58 -28.51
CA ASN A 33 -7.16 -2.99 -27.57
C ASN A 33 -7.00 -2.25 -26.25
N MET A 34 -8.13 -1.87 -25.65
CA MET A 34 -8.10 -1.29 -24.32
C MET A 34 -8.32 -2.39 -23.29
N ASN A 35 -7.35 -2.57 -22.42
CA ASN A 35 -7.41 -3.57 -21.37
C ASN A 35 -7.74 -2.91 -20.05
N TRP A 36 -8.32 -3.68 -19.15
CA TRP A 36 -8.56 -3.22 -17.79
C TRP A 36 -7.94 -4.21 -16.83
N VAL A 37 -7.26 -3.68 -15.82
CA VAL A 37 -6.53 -4.47 -14.86
C VAL A 37 -6.83 -3.92 -13.46
N ARG A 38 -7.08 -4.82 -12.51
N ARG A 38 -7.04 -4.80 -12.51
CA ARG A 38 -7.30 -4.52 -11.10
CA ARG A 38 -7.26 -4.40 -11.14
C ARG A 38 -5.98 -4.67 -10.33
C ARG A 38 -6.01 -4.67 -10.32
N GLN A 39 -5.64 -3.70 -9.49
CA GLN A 39 -4.54 -3.89 -8.56
C GLN A 39 -5.08 -3.94 -7.15
N ASN A 40 -4.88 -5.09 -6.53
CA ASN A 40 -5.39 -5.38 -5.21
C ASN A 40 -4.49 -4.75 -4.15
N ILE A 41 -4.98 -4.70 -2.91
CA ILE A 41 -4.24 -4.03 -1.84
C ILE A 41 -2.81 -4.57 -1.64
N GLY A 42 -2.62 -5.88 -1.82
CA GLY A 42 -1.29 -6.47 -1.73
C GLY A 42 -0.45 -6.33 -2.99
N LYS A 43 -0.88 -5.45 -3.90
CA LYS A 43 -0.19 -5.10 -5.15
C LYS A 43 -0.37 -6.09 -6.28
N SER A 44 -1.00 -7.23 -6.03
CA SER A 44 -1.20 -8.19 -7.12
C SER A 44 -2.10 -7.59 -8.19
N LEU A 45 -1.87 -8.01 -9.43
CA LEU A 45 -2.59 -7.50 -10.59
C LEU A 45 -3.45 -8.60 -11.19
N GLU A 46 -4.69 -8.26 -11.52
CA GLU A 46 -5.60 -9.18 -12.20
C GLU A 46 -6.21 -8.52 -13.42
N TRP A 47 -6.09 -9.20 -14.55
CA TRP A 47 -6.66 -8.72 -15.80
C TRP A 47 -8.16 -8.99 -15.81
N ILE A 48 -8.93 -7.95 -16.10
CA ILE A 48 -10.38 -8.04 -16.12
C ILE A 48 -10.91 -8.41 -17.50
N GLY A 49 -10.40 -7.73 -18.52
CA GLY A 49 -10.83 -7.97 -19.88
C GLY A 49 -10.29 -6.91 -20.82
N ALA A 50 -10.68 -7.02 -22.09
CA ALA A 50 -10.22 -6.08 -23.10
C ALA A 50 -11.30 -5.84 -24.14
N ILE A 51 -11.25 -4.67 -24.78
CA ILE A 51 -12.19 -4.33 -25.84
C ILE A 51 -11.45 -3.72 -27.03
N ASP A 52 -11.87 -4.08 -28.24
CA ASP A 52 -11.39 -3.44 -29.45
C ASP A 52 -12.18 -2.15 -29.68
N PRO A 53 -11.50 -0.99 -29.60
CA PRO A 53 -12.14 0.31 -29.77
C PRO A 53 -12.80 0.49 -31.14
N TYR A 54 -12.31 -0.24 -32.14
CA TYR A 54 -12.81 -0.11 -33.50
C TYR A 54 -14.23 -0.64 -33.68
N TYR A 55 -14.40 -1.96 -33.49
CA TYR A 55 -15.68 -2.60 -33.73
C TYR A 55 -16.46 -2.85 -32.45
N GLY A 56 -15.76 -3.00 -31.33
CA GLY A 56 -16.40 -3.18 -30.04
C GLY A 56 -16.36 -4.59 -29.49
N GLY A 57 -15.61 -5.48 -30.15
CA GLY A 57 -15.46 -6.84 -29.67
C GLY A 57 -14.75 -6.90 -28.33
N THR A 58 -15.13 -7.89 -27.51
CA THR A 58 -14.61 -7.99 -26.14
C THR A 58 -14.10 -9.39 -25.78
N SER A 59 -13.20 -9.43 -24.80
CA SER A 59 -12.72 -10.66 -24.19
C SER A 59 -12.64 -10.47 -22.68
N TYR A 60 -13.17 -11.40 -21.90
CA TYR A 60 -13.20 -11.28 -20.45
C TYR A 60 -12.51 -12.42 -19.74
N ASN A 61 -11.86 -12.09 -18.63
CA ASN A 61 -11.48 -13.08 -17.64
C ASN A 61 -12.77 -13.73 -17.13
N GLN A 62 -12.82 -15.06 -17.09
CA GLN A 62 -14.03 -15.74 -16.60
C GLN A 62 -14.40 -15.27 -15.19
N LYS A 63 -13.40 -14.89 -14.40
CA LYS A 63 -13.66 -14.39 -13.05
C LYS A 63 -14.57 -13.14 -13.06
N PHE A 64 -14.45 -12.33 -14.10
CA PHE A 64 -15.16 -11.05 -14.15
C PHE A 64 -16.26 -10.99 -15.21
N LYS A 65 -16.38 -12.03 -16.02
CA LYS A 65 -17.29 -12.02 -17.15
C LYS A 65 -18.75 -11.85 -16.72
N GLY A 66 -19.09 -12.36 -15.54
CA GLY A 66 -20.45 -12.27 -15.05
C GLY A 66 -20.86 -10.90 -14.52
N ARG A 67 -19.88 -10.05 -14.23
CA ARG A 67 -20.15 -8.76 -13.60
C ARG A 67 -19.63 -7.52 -14.36
N ALA A 68 -18.66 -7.72 -15.25
CA ALA A 68 -17.99 -6.60 -15.91
C ALA A 68 -18.53 -6.38 -17.31
N THR A 69 -18.67 -5.12 -17.70
CA THR A 69 -19.05 -4.77 -19.07
C THR A 69 -18.14 -3.65 -19.58
N LEU A 70 -17.44 -3.91 -20.67
CA LEU A 70 -16.55 -2.93 -21.28
C LEU A 70 -17.21 -2.30 -22.49
N THR A 71 -17.12 -0.98 -22.60
CA THR A 71 -17.63 -0.25 -23.75
C THR A 71 -16.65 0.81 -24.18
N VAL A 72 -16.82 1.31 -25.40
CA VAL A 72 -16.05 2.44 -25.89
C VAL A 72 -16.95 3.44 -26.59
N ASP A 73 -16.63 4.72 -26.41
CA ASP A 73 -17.25 5.79 -27.17
C ASP A 73 -16.21 6.32 -28.14
N LYS A 74 -16.31 5.90 -29.40
CA LYS A 74 -15.32 6.29 -30.40
C LYS A 74 -15.26 7.79 -30.63
N SER A 75 -16.42 8.44 -30.54
CA SER A 75 -16.53 9.86 -30.81
C SER A 75 -15.76 10.70 -29.79
N SER A 76 -15.54 10.12 -28.61
CA SER A 76 -14.85 10.84 -27.54
C SER A 76 -13.56 10.18 -27.12
N SER A 77 -13.13 9.16 -27.86
CA SER A 77 -11.94 8.38 -27.52
C SER A 77 -11.95 7.96 -26.05
N THR A 78 -13.10 7.53 -25.56
CA THR A 78 -13.24 7.18 -24.16
C THR A 78 -13.67 5.73 -23.99
N ALA A 79 -12.97 5.01 -23.12
CA ALA A 79 -13.34 3.65 -22.77
C ALA A 79 -13.98 3.64 -21.39
N TYR A 80 -14.92 2.72 -21.19
CA TYR A 80 -15.63 2.60 -19.91
C TYR A 80 -15.58 1.17 -19.39
N MET A 81 -15.49 1.07 -18.06
CA MET A 81 -15.62 -0.20 -17.38
C MET A 81 -16.76 -0.08 -16.38
N HIS A 82 -17.76 -0.95 -16.56
CA HIS A 82 -18.86 -1.07 -15.61
C HIS A 82 -18.69 -2.38 -14.86
N LEU A 83 -18.78 -2.32 -13.54
CA LEU A 83 -18.65 -3.53 -12.73
C LEU A 83 -19.80 -3.55 -11.72
N LYS A 84 -20.62 -4.59 -11.77
CA LYS A 84 -21.80 -4.65 -10.91
C LYS A 84 -21.65 -5.65 -9.76
N SER A 85 -22.65 -5.66 -8.88
CA SER A 85 -22.69 -6.56 -7.72
C SER A 85 -21.39 -6.50 -6.93
N LEU A 86 -20.99 -5.29 -6.57
CA LEU A 86 -19.70 -5.07 -5.91
C LEU A 86 -19.61 -5.72 -4.52
N THR A 87 -18.42 -6.22 -4.20
CA THR A 87 -18.12 -6.70 -2.85
C THR A 87 -16.83 -6.03 -2.39
N SER A 88 -16.45 -6.28 -1.14
CA SER A 88 -15.23 -5.70 -0.59
C SER A 88 -13.98 -6.13 -1.37
N GLU A 89 -14.05 -7.27 -2.04
CA GLU A 89 -12.94 -7.73 -2.89
C GLU A 89 -12.70 -6.80 -4.06
N ASP A 90 -13.70 -6.01 -4.40
CA ASP A 90 -13.58 -5.07 -5.51
C ASP A 90 -12.99 -3.71 -5.09
N SER A 91 -12.75 -3.54 -3.80
CA SER A 91 -12.03 -2.35 -3.32
C SER A 91 -10.58 -2.48 -3.78
N ALA A 92 -10.21 -1.65 -4.76
CA ALA A 92 -8.95 -1.82 -5.45
C ALA A 92 -8.69 -0.61 -6.32
N VAL A 93 -7.54 -0.59 -6.98
CA VAL A 93 -7.24 0.42 -8.00
C VAL A 93 -7.37 -0.21 -9.37
N TYR A 94 -8.13 0.44 -10.24
CA TYR A 94 -8.43 -0.09 -11.58
C TYR A 94 -7.67 0.73 -12.60
N TYR A 95 -6.95 0.05 -13.47
CA TYR A 95 -6.17 0.69 -14.53
C TYR A 95 -6.76 0.35 -15.89
N CYS A 96 -6.82 1.34 -16.77
CA CYS A 96 -6.97 1.05 -18.18
C CYS A 96 -5.57 1.02 -18.82
N VAL A 97 -5.40 0.17 -19.81
CA VAL A 97 -4.09 -0.06 -20.40
C VAL A 97 -4.27 -0.22 -21.90
N SER A 98 -3.65 0.67 -22.65
CA SER A 98 -3.74 0.60 -24.09
C SER A 98 -2.71 -0.37 -24.62
N GLY A 99 -3.20 -1.44 -25.25
CA GLY A 99 -2.34 -2.44 -25.87
C GLY A 99 -1.42 -3.15 -24.90
N MET A 100 -1.79 -3.11 -23.61
CA MET A 100 -0.90 -3.59 -22.54
C MET A 100 0.46 -2.87 -22.50
N GLU A 101 0.52 -1.69 -23.13
CA GLU A 101 1.76 -0.90 -23.20
C GLU A 101 1.73 0.34 -22.31
N TYR A 102 0.66 1.13 -22.41
CA TYR A 102 0.55 2.38 -21.69
C TYR A 102 -0.59 2.32 -20.70
N TRP A 103 -0.29 2.69 -19.46
CA TRP A 103 -1.24 2.59 -18.36
C TRP A 103 -1.80 3.97 -17.99
N GLY A 104 -3.09 4.00 -17.67
CA GLY A 104 -3.71 5.17 -17.07
C GLY A 104 -3.19 5.36 -15.64
N GLN A 105 -3.62 6.43 -14.98
CA GLN A 105 -3.09 6.72 -13.65
C GLN A 105 -3.79 5.93 -12.55
N GLY A 106 -4.86 5.20 -12.91
CA GLY A 106 -5.60 4.38 -11.98
C GLY A 106 -6.77 5.12 -11.37
N THR A 107 -7.82 4.35 -11.04
CA THR A 107 -9.01 4.85 -10.35
C THR A 107 -9.25 3.98 -9.13
N SER A 108 -9.32 4.61 -7.97
N SER A 108 -9.29 4.58 -7.95
CA SER A 108 -9.63 3.91 -6.73
CA SER A 108 -9.58 3.81 -6.75
C SER A 108 -11.14 3.66 -6.62
C SER A 108 -11.08 3.67 -6.55
N VAL A 109 -11.51 2.43 -6.26
CA VAL A 109 -12.88 2.15 -5.92
C VAL A 109 -12.88 1.57 -4.50
N THR A 110 -13.71 2.13 -3.64
CA THR A 110 -13.86 1.63 -2.27
C THR A 110 -15.28 1.14 -2.11
N VAL A 111 -15.43 -0.13 -1.73
CA VAL A 111 -16.74 -0.73 -1.55
C VAL A 111 -16.96 -0.95 -0.06
N SER A 112 -17.91 -0.21 0.50
CA SER A 112 -18.11 -0.18 1.94
C SER A 112 -19.49 0.33 2.27
N SER A 113 -20.03 -0.11 3.41
CA SER A 113 -21.33 0.34 3.89
C SER A 113 -21.24 1.65 4.65
N ALA A 114 -20.02 2.18 4.78
CA ALA A 114 -19.79 3.36 5.62
C ALA A 114 -20.45 4.63 5.11
N LYS A 115 -20.83 5.49 6.04
CA LYS A 115 -21.22 6.85 5.71
C LYS A 115 -20.07 7.78 6.07
N THR A 116 -20.06 8.97 5.48
CA THR A 116 -19.04 9.95 5.79
C THR A 116 -19.00 10.23 7.28
N THR A 117 -17.81 10.15 7.86
CA THR A 117 -17.64 10.25 9.30
C THR A 117 -16.36 11.02 9.59
N ALA A 118 -16.46 12.04 10.43
CA ALA A 118 -15.31 12.83 10.82
C ALA A 118 -14.38 12.01 11.72
N PRO A 119 -13.07 12.25 11.62
CA PRO A 119 -12.12 11.54 12.47
C PRO A 119 -12.16 12.03 13.91
N SER A 120 -11.80 11.14 14.82
CA SER A 120 -11.43 11.56 16.17
C SER A 120 -9.91 11.62 16.20
N VAL A 121 -9.36 12.69 16.76
CA VAL A 121 -7.93 12.87 16.77
C VAL A 121 -7.43 12.85 18.21
N TYR A 122 -6.55 11.90 18.50
CA TYR A 122 -6.08 11.68 19.87
C TYR A 122 -4.58 11.91 19.96
N PRO A 123 -4.15 12.63 21.01
CA PRO A 123 -2.73 12.87 21.22
C PRO A 123 -2.06 11.63 21.78
N LEU A 124 -0.83 11.38 21.36
CA LEU A 124 -0.07 10.27 21.91
C LEU A 124 1.15 10.87 22.62
N ALA A 125 1.05 11.02 23.93
CA ALA A 125 2.14 11.56 24.74
C ALA A 125 2.87 10.42 25.42
N PRO A 126 4.19 10.59 25.68
CA PRO A 126 4.97 9.49 26.24
C PRO A 126 4.47 9.01 27.59
N VAL A 127 4.80 7.77 27.93
CA VAL A 127 4.42 7.17 29.20
C VAL A 127 5.01 7.95 30.37
N SER A 134 17.48 10.85 25.33
CA SER A 134 17.97 11.98 24.55
C SER A 134 16.99 12.39 23.44
N SER A 135 16.18 11.44 22.99
CA SER A 135 15.15 11.73 22.01
C SER A 135 13.79 11.24 22.51
N VAL A 136 12.74 11.95 22.13
CA VAL A 136 11.40 11.59 22.55
C VAL A 136 10.50 11.41 21.34
N THR A 137 9.63 10.41 21.40
CA THR A 137 8.68 10.15 20.32
C THR A 137 7.27 10.46 20.78
N LEU A 138 6.58 11.29 20.00
CA LEU A 138 5.20 11.64 20.25
C LEU A 138 4.40 11.16 19.06
N GLY A 139 3.09 11.23 19.17
CA GLY A 139 2.29 10.82 18.05
C GLY A 139 0.88 11.36 18.05
N CYS A 140 0.14 10.93 17.04
N CYS A 140 0.17 11.06 16.97
CA CYS A 140 -1.20 11.42 16.75
CA CYS A 140 -1.23 11.37 16.88
C CYS A 140 -1.99 10.25 16.17
C CYS A 140 -1.94 10.19 16.27
N LEU A 141 -3.11 9.88 16.81
CA LEU A 141 -3.93 8.78 16.34
C LEU A 141 -5.19 9.36 15.74
N VAL A 142 -5.48 9.02 14.49
CA VAL A 142 -6.62 9.59 13.78
C VAL A 142 -7.57 8.43 13.47
N LYS A 143 -8.68 8.38 14.19
CA LYS A 143 -9.48 7.17 14.22
C LYS A 143 -10.92 7.39 13.75
N GLY A 144 -11.46 6.38 13.08
CA GLY A 144 -12.88 6.29 12.84
C GLY A 144 -13.48 7.17 11.77
N TYR A 145 -12.72 7.44 10.71
CA TYR A 145 -13.20 8.34 9.68
C TYR A 145 -13.52 7.62 8.37
N PHE A 146 -14.27 8.30 7.52
CA PHE A 146 -14.59 7.82 6.19
C PHE A 146 -15.08 9.02 5.38
N PRO A 147 -14.72 9.11 4.09
CA PRO A 147 -13.79 8.29 3.34
C PRO A 147 -12.37 8.86 3.43
N GLU A 148 -11.43 8.26 2.71
CA GLU A 148 -10.12 8.90 2.51
C GLU A 148 -10.30 10.16 1.64
N PRO A 149 -9.36 11.11 1.74
CA PRO A 149 -8.17 11.07 2.57
C PRO A 149 -8.25 11.99 3.79
N VAL A 150 -7.27 11.80 4.68
N VAL A 150 -7.32 11.78 4.72
CA VAL A 150 -6.97 12.71 5.77
CA VAL A 150 -7.01 12.82 5.67
C VAL A 150 -5.54 13.21 5.57
C VAL A 150 -5.60 13.28 5.37
N THR A 151 -5.29 14.50 5.80
CA THR A 151 -3.94 15.03 5.72
C THR A 151 -3.50 15.27 7.15
N LEU A 152 -2.22 15.07 7.41
CA LEU A 152 -1.68 15.33 8.73
C LEU A 152 -0.33 16.00 8.60
N THR A 153 -0.16 17.08 9.35
CA THR A 153 1.14 17.73 9.45
C THR A 153 1.47 17.95 10.92
N TRP A 154 2.72 18.34 11.17
CA TRP A 154 3.17 18.66 12.52
C TRP A 154 3.64 20.11 12.53
N ASN A 155 3.17 20.87 13.51
CA ASN A 155 3.49 22.29 13.61
C ASN A 155 3.34 23.01 12.27
N SER A 156 2.21 22.76 11.62
CA SER A 156 1.85 23.42 10.37
C SER A 156 2.84 23.15 9.24
N GLY A 157 3.55 22.03 9.35
CA GLY A 157 4.44 21.59 8.30
C GLY A 157 5.89 21.97 8.54
N SER A 158 6.13 22.74 9.60
CA SER A 158 7.50 23.19 9.88
C SER A 158 8.31 22.05 10.50
N LEU A 159 7.61 21.06 11.04
CA LEU A 159 8.26 19.87 11.56
C LEU A 159 8.04 18.71 10.60
N SER A 160 9.06 18.40 9.81
CA SER A 160 8.95 17.39 8.76
C SER A 160 9.95 16.24 8.90
N SER A 161 11.09 16.52 9.51
N SER A 161 11.09 16.52 9.51
CA SER A 161 12.10 15.51 9.77
CA SER A 161 12.10 15.51 9.76
C SER A 161 11.71 14.68 10.98
C SER A 161 11.71 14.68 10.98
N GLY A 162 12.08 13.40 10.97
CA GLY A 162 11.78 12.52 12.08
C GLY A 162 10.31 12.15 12.21
N VAL A 163 9.56 12.32 11.13
CA VAL A 163 8.14 12.02 11.10
C VAL A 163 7.90 10.71 10.36
N HIS A 164 7.02 9.88 10.91
CA HIS A 164 6.50 8.74 10.18
C HIS A 164 4.99 8.80 10.19
N THR A 165 4.41 9.04 9.03
CA THR A 165 2.97 9.06 8.91
C THR A 165 2.56 7.82 8.14
N PHE A 166 1.76 6.98 8.81
CA PHE A 166 1.48 5.65 8.33
C PHE A 166 0.29 5.65 7.38
N PRO A 167 0.33 4.77 6.37
CA PRO A 167 -0.82 4.65 5.46
C PRO A 167 -2.09 4.33 6.24
N ALA A 168 -3.18 4.93 5.83
CA ALA A 168 -4.48 4.63 6.41
C ALA A 168 -4.86 3.19 6.14
N VAL A 169 -5.57 2.59 7.10
CA VAL A 169 -6.06 1.23 6.97
C VAL A 169 -7.55 1.22 7.26
N LEU A 170 -8.31 0.62 6.35
CA LEU A 170 -9.74 0.43 6.53
C LEU A 170 -10.00 -0.86 7.29
N GLN A 171 -10.70 -0.75 8.42
CA GLN A 171 -11.02 -1.92 9.23
C GLN A 171 -12.39 -1.71 9.83
N SER A 172 -13.26 -2.72 9.67
CA SER A 172 -14.64 -2.62 10.11
C SER A 172 -15.30 -1.36 9.55
N ASP A 173 -14.98 -1.07 8.29
CA ASP A 173 -15.59 0.02 7.52
C ASP A 173 -15.37 1.42 8.10
N LEU A 174 -14.26 1.60 8.82
CA LEU A 174 -13.78 2.95 9.15
C LEU A 174 -12.26 2.95 9.05
N TYR A 175 -11.68 4.10 8.70
CA TYR A 175 -10.23 4.22 8.58
C TYR A 175 -9.57 4.64 9.87
N THR A 176 -8.35 4.15 10.08
CA THR A 176 -7.45 4.65 11.11
C THR A 176 -6.14 5.02 10.45
N LEU A 177 -5.57 6.13 10.88
CA LEU A 177 -4.24 6.52 10.49
C LEU A 177 -3.50 6.96 11.75
N SER A 178 -2.18 6.91 11.73
CA SER A 178 -1.39 7.43 12.84
C SER A 178 -0.13 8.05 12.30
N SER A 179 0.51 8.86 13.14
CA SER A 179 1.77 9.50 12.78
C SER A 179 2.60 9.63 14.04
N SER A 180 3.90 9.37 13.92
CA SER A 180 4.84 9.62 15.01
C SER A 180 5.79 10.72 14.62
N VAL A 181 6.29 11.42 15.63
CA VAL A 181 7.34 12.40 15.40
C VAL A 181 8.35 12.27 16.53
N THR A 182 9.63 12.30 16.16
CA THR A 182 10.69 12.12 17.13
C THR A 182 11.56 13.36 17.15
N VAL A 183 11.75 13.91 18.34
CA VAL A 183 12.54 15.13 18.49
C VAL A 183 13.52 14.96 19.63
N THR A 184 14.49 15.87 19.72
CA THR A 184 15.43 15.82 20.84
C THR A 184 14.68 16.14 22.13
N SER A 185 15.09 15.50 23.22
CA SER A 185 14.42 15.66 24.52
C SER A 185 14.36 17.11 25.00
N SER A 186 15.29 17.93 24.55
CA SER A 186 15.33 19.34 24.94
C SER A 186 14.36 20.19 24.15
N THR A 187 13.72 19.58 23.15
CA THR A 187 12.77 20.28 22.29
C THR A 187 11.37 20.28 22.90
N TRP A 188 11.05 19.20 23.60
CA TRP A 188 9.70 19.02 24.13
C TRP A 188 9.77 18.48 25.55
N PRO A 189 8.92 19.00 26.46
CA PRO A 189 7.84 19.96 26.20
C PRO A 189 8.26 21.43 26.23
N SER A 190 9.55 21.70 26.23
CA SER A 190 10.05 23.09 26.25
C SER A 190 9.51 23.90 25.07
N GLN A 191 9.29 23.23 23.94
CA GLN A 191 8.56 23.83 22.82
C GLN A 191 7.26 23.07 22.61
N SER A 192 6.42 23.56 21.71
CA SER A 192 5.14 22.93 21.44
C SER A 192 5.20 22.01 20.23
N ILE A 193 4.44 20.92 20.33
CA ILE A 193 4.27 20.00 19.22
C ILE A 193 2.79 19.74 19.03
N THR A 194 2.29 19.98 17.83
CA THR A 194 0.88 19.91 17.53
C THR A 194 0.69 19.19 16.21
N CYS A 195 -0.22 18.23 16.15
CA CYS A 195 -0.57 17.64 14.87
C CYS A 195 -1.80 18.35 14.29
N ASN A 196 -1.73 18.64 13.00
CA ASN A 196 -2.79 19.34 12.31
C ASN A 196 -3.44 18.34 11.37
N VAL A 197 -4.71 18.06 11.58
CA VAL A 197 -5.42 17.04 10.84
C VAL A 197 -6.56 17.65 10.04
N ALA A 198 -6.64 17.30 8.76
CA ALA A 198 -7.72 17.77 7.90
C ALA A 198 -8.44 16.60 7.25
N HIS A 199 -9.78 16.67 7.26
CA HIS A 199 -10.61 15.68 6.58
C HIS A 199 -11.67 16.49 5.82
N PRO A 200 -11.36 16.86 4.56
CA PRO A 200 -12.21 17.73 3.74
C PRO A 200 -13.63 17.21 3.55
N ALA A 201 -13.80 15.89 3.48
CA ALA A 201 -15.13 15.32 3.25
C ALA A 201 -16.11 15.65 4.36
N SER A 202 -15.58 15.91 5.55
CA SER A 202 -16.40 16.30 6.70
C SER A 202 -16.12 17.71 7.18
N SER A 203 -15.37 18.47 6.38
CA SER A 203 -14.96 19.83 6.73
C SER A 203 -14.28 19.89 8.09
N THR A 204 -13.47 18.88 8.38
CA THR A 204 -12.77 18.81 9.64
C THR A 204 -11.36 19.39 9.53
N LYS A 205 -11.05 20.32 10.41
CA LYS A 205 -9.71 20.86 10.54
C LYS A 205 -9.44 20.98 12.02
N VAL A 206 -8.58 20.11 12.55
CA VAL A 206 -8.31 20.12 13.98
C VAL A 206 -6.83 20.15 14.26
N ASP A 207 -6.48 20.84 15.33
CA ASP A 207 -5.11 20.90 15.80
C ASP A 207 -5.11 20.26 17.17
N LYS A 208 -4.27 19.25 17.34
CA LYS A 208 -4.16 18.59 18.62
C LYS A 208 -2.76 18.79 19.18
N LYS A 209 -2.67 19.62 20.20
CA LYS A 209 -1.40 19.86 20.87
C LYS A 209 -1.09 18.68 21.79
N ILE A 210 0.15 18.21 21.76
CA ILE A 210 0.55 17.10 22.61
C ILE A 210 1.09 17.63 23.95
N GLU A 211 0.41 17.26 25.03
CA GLU A 211 0.79 17.71 26.37
C GLU A 211 1.38 16.54 27.17
N PRO A 212 2.31 16.84 28.09
CA PRO A 212 2.79 15.78 28.99
C PRO A 212 1.64 15.21 29.82
N ARG A 213 1.65 13.90 30.04
CA ARG A 213 0.60 13.24 30.83
C ARG A 213 0.64 13.68 32.29
N ASP B 1 -5.69 -21.54 -15.95
CA ASP B 1 -4.91 -20.34 -16.20
C ASP B 1 -3.44 -20.57 -15.89
N VAL B 2 -2.57 -19.74 -16.47
CA VAL B 2 -1.14 -19.86 -16.25
C VAL B 2 -0.73 -19.10 -15.01
N VAL B 3 0.04 -19.74 -14.15
CA VAL B 3 0.54 -19.12 -12.95
C VAL B 3 1.96 -18.64 -13.17
N MET B 4 2.20 -17.36 -12.87
CA MET B 4 3.50 -16.75 -12.99
C MET B 4 4.10 -16.61 -11.61
N THR B 5 5.27 -17.22 -11.40
CA THR B 5 5.91 -17.21 -10.09
C THR B 5 7.19 -16.40 -10.12
N GLN B 6 7.20 -15.30 -9.36
CA GLN B 6 8.36 -14.44 -9.32
C GLN B 6 9.17 -14.62 -8.05
N THR B 7 10.49 -14.67 -8.19
CA THR B 7 11.38 -14.74 -7.05
C THR B 7 12.58 -13.84 -7.29
N PRO B 8 13.14 -13.24 -6.23
CA PRO B 8 12.61 -13.28 -4.87
C PRO B 8 11.45 -12.30 -4.73
N LEU B 9 10.75 -12.30 -3.60
CA LEU B 9 9.68 -11.33 -3.41
C LEU B 9 10.26 -9.95 -3.14
N SER B 10 11.43 -9.92 -2.51
CA SER B 10 12.13 -8.68 -2.20
C SER B 10 13.61 -8.89 -2.50
N LEU B 11 14.20 -7.92 -3.20
CA LEU B 11 15.62 -7.97 -3.54
C LEU B 11 16.30 -6.69 -3.08
N PRO B 12 16.96 -6.73 -1.91
CA PRO B 12 17.73 -5.57 -1.47
C PRO B 12 19.06 -5.50 -2.20
N VAL B 13 19.37 -4.32 -2.72
CA VAL B 13 20.63 -4.08 -3.41
C VAL B 13 21.21 -2.75 -2.99
N SER B 14 22.51 -2.59 -3.26
CA SER B 14 23.14 -1.28 -3.15
C SER B 14 23.14 -0.63 -4.53
N LEU B 15 23.06 0.70 -4.55
CA LEU B 15 23.24 1.43 -5.79
C LEU B 15 24.53 0.97 -6.47
N GLY B 16 24.44 0.69 -7.77
CA GLY B 16 25.60 0.27 -8.52
C GLY B 16 25.70 -1.24 -8.66
N ASP B 17 24.91 -1.98 -7.88
CA ASP B 17 24.93 -3.44 -7.94
C ASP B 17 24.25 -3.95 -9.20
N GLN B 18 24.62 -5.14 -9.63
CA GLN B 18 23.84 -5.87 -10.61
C GLN B 18 22.63 -6.47 -9.89
N ALA B 19 21.52 -6.61 -10.61
CA ALA B 19 20.33 -7.24 -10.07
C ALA B 19 19.77 -8.22 -11.08
N SER B 20 19.28 -9.34 -10.58
CA SER B 20 18.67 -10.35 -11.43
C SER B 20 17.39 -10.82 -10.75
N ILE B 21 16.30 -10.84 -11.51
CA ILE B 21 15.05 -11.31 -10.94
C ILE B 21 14.43 -12.36 -11.86
N SER B 22 13.76 -13.31 -11.23
CA SER B 22 13.29 -14.51 -11.91
C SER B 22 11.79 -14.54 -12.04
N CYS B 23 11.34 -15.03 -13.20
CA CYS B 23 9.92 -15.24 -13.43
C CYS B 23 9.76 -16.62 -14.07
N ARG B 24 9.04 -17.50 -13.40
CA ARG B 24 8.78 -18.82 -13.95
C ARG B 24 7.29 -19.02 -14.21
N SER B 25 6.97 -19.62 -15.35
CA SER B 25 5.58 -19.91 -15.69
C SER B 25 5.23 -21.37 -15.44
N SER B 26 3.96 -21.63 -15.18
CA SER B 26 3.51 -22.98 -14.86
C SER B 26 3.50 -23.90 -16.08
N GLN B 27 3.55 -23.31 -17.27
CA GLN B 27 3.77 -24.08 -18.49
C GLN B 27 4.42 -23.19 -19.54
N SER B 28 4.88 -23.80 -20.62
CA SER B 28 5.64 -23.07 -21.63
C SER B 28 4.87 -21.89 -22.21
N LEU B 29 5.57 -20.77 -22.39
CA LEU B 29 4.97 -19.56 -22.95
C LEU B 29 5.23 -19.44 -24.44
N VAL B 30 5.79 -20.51 -25.03
CA VAL B 30 5.97 -20.52 -26.47
C VAL B 30 4.62 -20.76 -27.15
N HIS B 31 4.16 -19.75 -27.89
CA HIS B 31 2.88 -19.82 -28.60
C HIS B 31 3.06 -20.66 -29.85
N ARG B 32 1.96 -21.19 -30.39
CA ARG B 32 2.01 -21.94 -31.63
C ARG B 32 2.49 -21.10 -32.81
N ASN B 33 2.35 -19.78 -32.71
CA ASN B 33 2.84 -18.91 -33.79
C ASN B 33 4.33 -18.61 -33.71
N GLY B 34 4.99 -19.17 -32.69
CA GLY B 34 6.43 -19.06 -32.56
C GLY B 34 6.90 -17.99 -31.59
N ASN B 35 6.00 -17.10 -31.21
CA ASN B 35 6.34 -16.03 -30.26
C ASN B 35 6.27 -16.49 -28.81
N THR B 36 7.05 -15.83 -27.96
CA THR B 36 6.96 -16.05 -26.52
C THR B 36 6.50 -14.75 -25.87
N TYR B 37 5.25 -14.73 -25.43
CA TYR B 37 4.63 -13.52 -24.93
C TYR B 37 4.87 -13.32 -23.43
N LEU B 38 6.12 -13.03 -23.08
CA LEU B 38 6.52 -12.79 -21.70
C LEU B 38 7.01 -11.35 -21.62
N HIS B 39 6.44 -10.56 -20.71
CA HIS B 39 6.74 -9.13 -20.63
C HIS B 39 7.09 -8.71 -19.21
N TRP B 40 7.78 -7.59 -19.08
CA TRP B 40 8.20 -7.07 -17.79
C TRP B 40 7.79 -5.62 -17.64
N TYR B 41 7.28 -5.27 -16.46
CA TYR B 41 6.83 -3.92 -16.11
C TYR B 41 7.52 -3.49 -14.83
N LEU B 42 7.67 -2.18 -14.66
CA LEU B 42 8.14 -1.60 -13.41
C LEU B 42 7.10 -0.61 -12.92
N GLN B 43 6.73 -0.73 -11.65
CA GLN B 43 5.84 0.24 -11.02
C GLN B 43 6.64 0.93 -9.94
N LYS B 44 6.99 2.19 -10.19
CA LYS B 44 7.77 2.97 -9.24
C LYS B 44 6.84 3.40 -8.12
N PRO B 45 7.38 3.69 -6.93
CA PRO B 45 6.50 4.06 -5.81
C PRO B 45 5.57 5.22 -6.14
N GLY B 46 4.27 5.03 -5.91
CA GLY B 46 3.28 6.05 -6.19
C GLY B 46 2.90 6.27 -7.64
N GLN B 47 3.37 5.38 -8.51
N GLN B 47 3.34 5.37 -8.53
CA GLN B 47 3.19 5.53 -9.95
CA GLN B 47 3.04 5.51 -9.95
C GLN B 47 2.43 4.36 -10.57
C GLN B 47 2.23 4.34 -10.53
N SER B 48 2.03 4.51 -11.83
N SER B 48 1.87 4.47 -11.80
CA SER B 48 1.45 3.40 -12.58
CA SER B 48 1.29 3.36 -12.55
C SER B 48 2.55 2.50 -13.09
C SER B 48 2.44 2.54 -13.16
N PRO B 49 2.19 1.26 -13.46
CA PRO B 49 3.22 0.43 -14.10
C PRO B 49 3.66 1.02 -15.45
N LYS B 50 4.92 0.77 -15.81
CA LYS B 50 5.43 1.12 -17.13
C LYS B 50 6.05 -0.11 -17.75
N LEU B 51 5.87 -0.28 -19.06
CA LEU B 51 6.43 -1.43 -19.76
C LEU B 51 7.93 -1.27 -19.94
N LEU B 52 8.70 -2.30 -19.60
CA LEU B 52 10.15 -2.29 -19.81
C LEU B 52 10.58 -3.16 -20.98
N ILE B 53 10.08 -4.40 -21.02
CA ILE B 53 10.51 -5.41 -21.98
C ILE B 53 9.29 -6.15 -22.46
N HIS B 54 9.18 -6.35 -23.76
CA HIS B 54 8.11 -7.19 -24.29
C HIS B 54 8.69 -8.35 -25.08
N LYS B 55 7.93 -9.45 -25.11
CA LYS B 55 8.34 -10.67 -25.82
C LYS B 55 9.78 -11.07 -25.47
N VAL B 56 9.99 -11.24 -24.17
CA VAL B 56 11.19 -11.80 -23.57
C VAL B 56 12.35 -10.82 -23.47
N SER B 57 12.70 -10.20 -24.59
CA SER B 57 13.96 -9.47 -24.69
C SER B 57 13.91 -8.17 -25.50
N ASN B 58 12.73 -7.78 -26.00
CA ASN B 58 12.60 -6.52 -26.72
C ASN B 58 12.44 -5.34 -25.76
N ARG B 59 13.43 -4.46 -25.69
CA ARG B 59 13.32 -3.28 -24.84
C ARG B 59 12.33 -2.31 -25.44
N PHE B 60 11.40 -1.86 -24.61
CA PHE B 60 10.39 -0.90 -25.03
C PHE B 60 11.03 0.48 -25.22
N SER B 61 10.38 1.32 -26.02
CA SER B 61 10.88 2.66 -26.33
C SER B 61 11.24 3.45 -25.07
N GLY B 62 12.44 4.02 -25.06
CA GLY B 62 12.88 4.88 -23.97
C GLY B 62 13.53 4.17 -22.80
N VAL B 63 13.48 2.84 -22.79
CA VAL B 63 14.04 2.05 -21.70
C VAL B 63 15.56 1.92 -21.89
N PRO B 64 16.34 2.30 -20.87
CA PRO B 64 17.81 2.30 -20.98
C PRO B 64 18.40 0.90 -21.11
N ASP B 65 19.57 0.79 -21.72
CA ASP B 65 20.12 -0.50 -22.07
C ASP B 65 20.71 -1.28 -20.89
N ARG B 66 20.66 -0.68 -19.69
CA ARG B 66 21.03 -1.45 -18.50
C ARG B 66 20.00 -2.53 -18.17
N PHE B 67 18.80 -2.42 -18.75
CA PHE B 67 17.77 -3.44 -18.61
C PHE B 67 17.86 -4.44 -19.75
N SER B 68 17.82 -5.72 -19.41
CA SER B 68 17.78 -6.75 -20.43
C SER B 68 16.96 -7.95 -19.96
N GLY B 69 16.30 -8.60 -20.90
CA GLY B 69 15.48 -9.74 -20.59
C GLY B 69 15.98 -10.96 -21.32
N SER B 70 15.86 -12.12 -20.69
CA SER B 70 16.32 -13.36 -21.27
C SER B 70 15.47 -14.54 -20.79
N GLY B 71 15.78 -15.72 -21.30
CA GLY B 71 15.07 -16.92 -20.92
C GLY B 71 14.27 -17.50 -22.05
N SER B 72 13.61 -18.63 -21.77
CA SER B 72 12.81 -19.33 -22.76
C SER B 72 11.95 -20.37 -22.07
N GLY B 73 10.87 -20.76 -22.74
CA GLY B 73 10.02 -21.83 -22.27
C GLY B 73 9.24 -21.43 -21.04
N THR B 74 9.75 -21.81 -19.87
CA THR B 74 9.08 -21.50 -18.61
C THR B 74 9.96 -20.69 -17.66
N ASP B 75 11.17 -20.37 -18.08
CA ASP B 75 12.13 -19.74 -17.18
C ASP B 75 12.70 -18.45 -17.76
N PHE B 76 12.46 -17.33 -17.10
CA PHE B 76 12.79 -16.02 -17.62
C PHE B 76 13.47 -15.18 -16.56
N THR B 77 14.31 -14.26 -17.01
CA THR B 77 15.10 -13.42 -16.12
C THR B 77 15.14 -12.00 -16.64
N LEU B 78 14.96 -11.04 -15.75
CA LEU B 78 15.23 -9.64 -16.04
C LEU B 78 16.51 -9.27 -15.31
N LYS B 79 17.44 -8.65 -16.03
CA LYS B 79 18.69 -8.23 -15.43
C LYS B 79 18.85 -6.72 -15.53
N ILE B 80 19.36 -6.15 -14.46
CA ILE B 80 19.78 -4.75 -14.47
C ILE B 80 21.29 -4.75 -14.25
N SER B 81 22.04 -4.24 -15.23
CA SER B 81 23.49 -4.31 -15.15
C SER B 81 24.05 -3.50 -13.98
N ARG B 82 23.44 -2.37 -13.69
CA ARG B 82 23.88 -1.49 -12.63
C ARG B 82 22.67 -0.71 -12.13
N VAL B 83 22.22 -1.01 -10.92
CA VAL B 83 21.00 -0.42 -10.39
C VAL B 83 21.17 1.03 -10.00
N GLU B 84 20.21 1.85 -10.42
CA GLU B 84 20.15 3.26 -10.03
C GLU B 84 18.93 3.49 -9.14
N ALA B 85 18.93 4.63 -8.46
CA ALA B 85 17.81 5.00 -7.60
C ALA B 85 16.47 4.96 -8.33
N GLU B 86 16.46 5.41 -9.58
CA GLU B 86 15.22 5.47 -10.35
C GLU B 86 14.71 4.09 -10.73
N ASP B 87 15.51 3.06 -10.52
CA ASP B 87 15.09 1.70 -10.84
C ASP B 87 14.35 1.00 -9.69
N LEU B 88 14.37 1.62 -8.51
CA LEU B 88 13.73 1.01 -7.36
C LEU B 88 12.21 1.02 -7.53
N GLY B 89 11.58 -0.07 -7.14
CA GLY B 89 10.14 -0.20 -7.28
C GLY B 89 9.78 -1.66 -7.39
N VAL B 90 8.57 -1.94 -7.88
CA VAL B 90 8.10 -3.32 -8.01
C VAL B 90 8.10 -3.74 -9.47
N TYR B 91 8.79 -4.85 -9.76
CA TYR B 91 8.86 -5.42 -11.09
C TYR B 91 7.85 -6.53 -11.22
N PHE B 92 7.06 -6.51 -12.29
CA PHE B 92 6.09 -7.57 -12.56
C PHE B 92 6.40 -8.20 -13.89
N CYS B 93 6.29 -9.52 -13.96
CA CYS B 93 6.22 -10.18 -15.26
C CYS B 93 4.77 -10.47 -15.60
N SER B 94 4.48 -10.61 -16.88
N SER B 94 4.50 -10.67 -16.88
CA SER B 94 3.16 -11.05 -17.33
CA SER B 94 3.17 -10.99 -17.36
C SER B 94 3.31 -11.97 -18.52
C SER B 94 3.26 -11.91 -18.57
N GLN B 95 2.29 -12.80 -18.74
CA GLN B 95 2.24 -13.64 -19.92
C GLN B 95 0.94 -13.36 -20.66
N SER B 96 1.02 -13.31 -21.98
CA SER B 96 -0.15 -13.21 -22.82
C SER B 96 -0.15 -14.25 -23.93
N THR B 97 0.54 -15.36 -23.69
CA THR B 97 0.50 -16.50 -24.60
C THR B 97 -0.80 -17.28 -24.48
N HIS B 98 -1.23 -17.50 -23.24
CA HIS B 98 -2.42 -18.30 -22.96
C HIS B 98 -3.49 -17.38 -22.42
N VAL B 99 -4.43 -17.01 -23.27
CA VAL B 99 -5.43 -16.00 -22.95
C VAL B 99 -6.78 -16.38 -23.53
N PRO B 100 -7.87 -15.96 -22.87
CA PRO B 100 -7.89 -15.27 -21.58
C PRO B 100 -7.69 -16.28 -20.45
N PRO B 101 -7.23 -15.82 -19.28
CA PRO B 101 -6.82 -14.45 -19.02
C PRO B 101 -5.31 -14.28 -19.09
N LEU B 102 -4.88 -13.12 -19.54
CA LEU B 102 -3.53 -12.66 -19.32
C LEU B 102 -3.28 -12.70 -17.82
N THR B 103 -2.09 -13.12 -17.41
CA THR B 103 -1.77 -13.23 -15.98
C THR B 103 -0.43 -12.59 -15.63
N PHE B 104 -0.28 -12.21 -14.37
CA PHE B 104 0.88 -11.49 -13.85
C PHE B 104 1.54 -12.27 -12.72
N GLY B 105 2.84 -12.10 -12.59
CA GLY B 105 3.55 -12.48 -11.38
C GLY B 105 3.17 -11.57 -10.24
N ALA B 106 3.51 -11.96 -9.02
CA ALA B 106 3.09 -11.22 -7.83
C ALA B 106 3.94 -10.00 -7.54
N GLY B 107 5.04 -9.85 -8.26
CA GLY B 107 5.91 -8.70 -8.10
C GLY B 107 7.15 -9.03 -7.32
N THR B 108 8.26 -8.40 -7.71
CA THR B 108 9.48 -8.42 -6.94
C THR B 108 9.84 -6.98 -6.60
N LYS B 109 9.99 -6.68 -5.32
CA LYS B 109 10.35 -5.34 -4.92
C LYS B 109 11.85 -5.16 -4.84
N LEU B 110 12.36 -4.27 -5.68
CA LEU B 110 13.77 -3.93 -5.67
C LEU B 110 13.95 -2.80 -4.66
N GLU B 111 14.69 -3.06 -3.60
CA GLU B 111 14.81 -2.12 -2.49
C GLU B 111 16.27 -1.88 -2.16
N LEU B 112 16.52 -0.91 -1.29
CA LEU B 112 17.91 -0.60 -0.91
C LEU B 112 18.37 -1.38 0.31
N LYS B 113 19.61 -1.84 0.23
CA LYS B 113 20.30 -2.45 1.36
C LYS B 113 20.88 -1.36 2.26
N ARG B 114 20.92 -1.63 3.56
CA ARG B 114 21.64 -0.81 4.52
C ARG B 114 22.00 -1.72 5.68
N ALA B 115 22.72 -1.17 6.67
CA ALA B 115 23.06 -1.96 7.86
C ALA B 115 21.81 -2.29 8.67
N ASP B 116 21.81 -3.45 9.31
CA ASP B 116 20.72 -3.82 10.21
C ASP B 116 20.56 -2.74 11.29
N ALA B 117 19.32 -2.50 11.69
CA ALA B 117 19.02 -1.51 12.71
C ALA B 117 17.87 -2.02 13.57
N ALA B 118 18.06 -2.03 14.89
CA ALA B 118 17.01 -2.40 15.81
C ALA B 118 15.91 -1.34 15.82
N PRO B 119 14.65 -1.76 15.96
CA PRO B 119 13.57 -0.77 16.04
C PRO B 119 13.64 0.07 17.30
N THR B 120 13.31 1.35 17.17
CA THR B 120 13.03 2.19 18.33
C THR B 120 11.55 2.01 18.66
N VAL B 121 11.27 1.44 19.83
CA VAL B 121 9.92 1.09 20.19
C VAL B 121 9.36 2.05 21.25
N SER B 122 8.15 2.54 21.01
CA SER B 122 7.48 3.48 21.89
C SER B 122 6.05 3.03 22.08
N ILE B 123 5.59 3.00 23.34
CA ILE B 123 4.23 2.57 23.63
C ILE B 123 3.46 3.71 24.28
N PHE B 124 2.16 3.79 23.96
CA PHE B 124 1.33 4.90 24.38
C PHE B 124 0.01 4.44 24.95
N PRO B 125 -0.28 4.78 26.21
CA PRO B 125 -1.59 4.49 26.77
C PRO B 125 -2.68 5.30 26.06
N PRO B 126 -3.95 4.95 26.28
CA PRO B 126 -5.05 5.75 25.72
C PRO B 126 -4.98 7.19 26.21
N SER B 127 -5.41 8.11 25.36
CA SER B 127 -5.51 9.51 25.75
C SER B 127 -6.73 9.71 26.66
N SER B 128 -6.68 10.75 27.48
CA SER B 128 -7.84 11.07 28.31
C SER B 128 -9.04 11.40 27.44
N GLU B 129 -8.79 12.03 26.30
CA GLU B 129 -9.85 12.37 25.36
C GLU B 129 -10.60 11.13 24.88
N GLN B 130 -9.86 10.11 24.47
CA GLN B 130 -10.52 8.89 24.00
C GLN B 130 -11.29 8.18 25.11
N LEU B 131 -10.69 8.11 26.29
CA LEU B 131 -11.31 7.44 27.43
C LEU B 131 -12.66 8.08 27.75
N THR B 132 -12.73 9.40 27.60
CA THR B 132 -13.97 10.13 27.82
C THR B 132 -15.10 9.61 26.92
N SER B 133 -14.75 9.25 25.69
CA SER B 133 -15.74 8.76 24.74
C SER B 133 -16.02 7.26 24.90
N GLY B 134 -15.35 6.62 25.86
CA GLY B 134 -15.60 5.22 26.16
C GLY B 134 -14.71 4.21 25.44
N GLY B 135 -13.72 4.70 24.70
CA GLY B 135 -12.80 3.82 24.01
C GLY B 135 -11.41 3.88 24.61
N ALA B 136 -10.56 2.93 24.22
CA ALA B 136 -9.21 2.85 24.77
C ALA B 136 -8.27 2.20 23.78
N SER B 137 -7.60 3.00 22.97
CA SER B 137 -6.60 2.47 22.05
C SER B 137 -5.21 2.59 22.67
N VAL B 138 -4.43 1.53 22.54
CA VAL B 138 -3.04 1.54 22.94
C VAL B 138 -2.22 1.44 21.66
N VAL B 139 -1.21 2.28 21.55
CA VAL B 139 -0.43 2.38 20.32
C VAL B 139 1.02 2.03 20.58
N CYS B 140 1.59 1.30 19.64
CA CYS B 140 3.01 1.01 19.66
C CYS B 140 3.62 1.40 18.32
N PHE B 141 4.64 2.25 18.34
CA PHE B 141 5.43 2.52 17.14
C PHE B 141 6.74 1.75 17.23
N LEU B 142 7.11 1.12 16.11
CA LEU B 142 8.37 0.41 16.00
C LEU B 142 9.06 1.04 14.81
N ASN B 143 10.00 1.93 15.09
CA ASN B 143 10.50 2.85 14.08
C ASN B 143 11.95 2.66 13.68
N ASN B 144 12.20 2.94 12.40
CA ASN B 144 13.56 3.01 11.86
C ASN B 144 14.36 1.71 12.01
N PHE B 145 13.74 0.59 11.63
CA PHE B 145 14.41 -0.69 11.71
C PHE B 145 14.81 -1.21 10.34
N TYR B 146 15.71 -2.18 10.33
CA TYR B 146 16.14 -2.86 9.11
C TYR B 146 16.71 -4.21 9.53
N PRO B 147 16.36 -5.30 8.82
CA PRO B 147 15.56 -5.43 7.60
C PRO B 147 14.06 -5.28 7.84
N LYS B 148 13.27 -5.39 6.78
N LYS B 148 13.30 -5.39 6.76
CA LYS B 148 11.86 -5.04 6.85
CA LYS B 148 11.87 -5.09 6.74
C LYS B 148 10.95 -6.00 7.62
C LYS B 148 10.99 -5.99 7.62
N ASP B 149 11.30 -7.28 7.68
CA ASP B 149 10.43 -8.24 8.36
C ASP B 149 10.42 -8.04 9.87
N ILE B 150 9.21 -8.01 10.45
CA ILE B 150 9.04 -7.81 11.88
C ILE B 150 7.71 -8.43 12.28
N ASN B 151 7.62 -8.87 13.52
CA ASN B 151 6.36 -9.43 14.04
C ASN B 151 6.03 -8.73 15.34
N VAL B 152 4.76 -8.43 15.55
CA VAL B 152 4.32 -7.79 16.79
C VAL B 152 3.22 -8.58 17.45
N LYS B 153 3.31 -8.72 18.77
CA LYS B 153 2.21 -9.25 19.59
C LYS B 153 1.89 -8.25 20.68
N TRP B 154 0.62 -8.17 21.05
CA TRP B 154 0.17 -7.43 22.22
C TRP B 154 -0.07 -8.41 23.35
N LYS B 155 0.48 -8.10 24.51
CA LYS B 155 0.30 -8.97 25.68
C LYS B 155 -0.24 -8.14 26.84
N ILE B 156 -1.36 -8.58 27.39
CA ILE B 156 -2.07 -7.86 28.43
C ILE B 156 -2.12 -8.76 29.65
N ASP B 157 -1.61 -8.26 30.77
CA ASP B 157 -1.48 -9.06 32.00
C ASP B 157 -0.84 -10.42 31.68
N GLY B 158 0.17 -10.41 30.82
CA GLY B 158 0.93 -11.61 30.52
C GLY B 158 0.30 -12.59 29.54
N SER B 159 -0.79 -12.18 28.89
N SER B 159 -0.78 -12.17 28.87
CA SER B 159 -1.48 -13.03 27.91
CA SER B 159 -1.49 -13.03 27.93
C SER B 159 -1.71 -12.29 26.60
C SER B 159 -1.71 -12.30 26.60
N GLU B 160 -1.46 -12.97 25.49
CA GLU B 160 -1.59 -12.32 24.19
C GLU B 160 -3.06 -11.98 23.90
N ARG B 161 -3.27 -10.78 23.39
CA ARG B 161 -4.57 -10.40 22.83
C ARG B 161 -4.43 -10.18 21.32
N GLN B 162 -5.27 -10.86 20.54
CA GLN B 162 -5.22 -10.73 19.09
C GLN B 162 -6.33 -9.86 18.51
N ASN B 163 -7.49 -9.85 19.15
N ASN B 163 -7.48 -9.85 19.17
CA ASN B 163 -8.61 -9.10 18.62
CA ASN B 163 -8.62 -9.07 18.71
C ASN B 163 -8.50 -7.59 18.88
C ASN B 163 -8.44 -7.57 18.87
N GLY B 164 -8.78 -6.81 17.84
CA GLY B 164 -8.73 -5.36 17.91
C GLY B 164 -7.41 -4.73 17.51
N VAL B 165 -6.56 -5.49 16.81
CA VAL B 165 -5.26 -4.96 16.39
C VAL B 165 -5.31 -4.37 14.97
N LEU B 166 -4.77 -3.18 14.80
CA LEU B 166 -4.66 -2.58 13.49
C LEU B 166 -3.20 -2.18 13.25
N ASN B 167 -2.61 -2.76 12.22
CA ASN B 167 -1.22 -2.52 11.89
C ASN B 167 -1.06 -1.77 10.59
N SER B 168 -0.04 -0.93 10.53
CA SER B 168 0.28 -0.25 9.30
C SER B 168 1.80 -0.10 9.20
N TRP B 169 2.30 -0.08 7.97
CA TRP B 169 3.74 -0.08 7.73
C TRP B 169 4.12 0.99 6.72
N THR B 170 5.24 1.67 6.95
CA THR B 170 5.72 2.62 5.95
C THR B 170 6.53 1.94 4.85
N ASP B 171 6.63 2.58 3.71
CA ASP B 171 7.58 2.18 2.68
C ASP B 171 8.98 2.52 3.17
N GLN B 172 9.98 2.01 2.48
CA GLN B 172 11.36 2.28 2.85
C GLN B 172 11.63 3.79 2.90
N ASP B 173 12.22 4.24 4.01
CA ASP B 173 12.47 5.66 4.22
C ASP B 173 13.41 6.23 3.17
N SER B 174 13.04 7.37 2.60
CA SER B 174 13.80 8.02 1.52
C SER B 174 15.16 8.56 1.98
N LYS B 175 15.29 8.83 3.27
CA LYS B 175 16.52 9.40 3.81
C LYS B 175 17.47 8.33 4.38
N ASP B 176 16.95 7.42 5.19
CA ASP B 176 17.83 6.45 5.86
C ASP B 176 17.63 4.98 5.50
N SER B 177 16.73 4.71 4.55
CA SER B 177 16.48 3.34 4.05
C SER B 177 15.92 2.37 5.09
N THR B 178 15.38 2.89 6.19
CA THR B 178 14.77 2.04 7.21
C THR B 178 13.27 1.86 6.99
N TYR B 179 12.67 1.03 7.84
CA TYR B 179 11.24 0.76 7.81
C TYR B 179 10.65 1.10 9.16
N SER B 180 9.34 1.40 9.19
CA SER B 180 8.65 1.66 10.44
C SER B 180 7.29 1.00 10.45
N MET B 181 6.75 0.81 11.65
CA MET B 181 5.48 0.13 11.83
C MET B 181 4.69 0.78 12.95
N SER B 182 3.38 0.84 12.78
CA SER B 182 2.47 1.30 13.82
C SER B 182 1.49 0.17 14.12
N SER B 183 1.29 -0.13 15.40
CA SER B 183 0.33 -1.13 15.82
C SER B 183 -0.59 -0.51 16.86
N THR B 184 -1.89 -0.58 16.60
CA THR B 184 -2.88 0.00 17.51
C THR B 184 -3.83 -1.08 17.97
N LEU B 185 -3.89 -1.30 19.28
CA LEU B 185 -4.83 -2.21 19.89
C LEU B 185 -6.01 -1.42 20.44
N THR B 186 -7.19 -1.63 19.89
CA THR B 186 -8.36 -0.91 20.37
C THR B 186 -9.23 -1.77 21.27
N LEU B 187 -9.42 -1.28 22.50
CA LEU B 187 -10.22 -1.91 23.53
C LEU B 187 -11.38 -0.97 23.85
N THR B 188 -12.38 -1.50 24.56
CA THR B 188 -13.35 -0.64 25.21
C THR B 188 -12.73 -0.13 26.51
N LYS B 189 -13.26 0.96 27.06
CA LYS B 189 -12.77 1.46 28.34
C LYS B 189 -12.93 0.40 29.43
N ASP B 190 -14.03 -0.34 29.37
CA ASP B 190 -14.26 -1.39 30.34
C ASP B 190 -13.15 -2.44 30.30
N GLU B 191 -12.79 -2.88 29.10
CA GLU B 191 -11.70 -3.83 28.93
C GLU B 191 -10.40 -3.25 29.48
N TYR B 192 -10.15 -1.99 29.17
CA TYR B 192 -8.93 -1.30 29.64
C TYR B 192 -8.85 -1.26 31.17
N GLU B 193 -10.00 -1.08 31.82
CA GLU B 193 -10.05 -1.01 33.28
C GLU B 193 -10.02 -2.38 33.96
N ARG B 194 -9.94 -3.44 33.16
CA ARG B 194 -9.94 -4.80 33.68
C ARG B 194 -8.51 -5.32 33.86
N HIS B 195 -7.56 -4.70 33.18
CA HIS B 195 -6.17 -5.18 33.19
C HIS B 195 -5.24 -3.99 33.25
N ASN B 196 -4.11 -4.13 33.93
CA ASN B 196 -3.23 -2.97 34.08
C ASN B 196 -1.88 -3.07 33.38
N SER B 197 -1.45 -4.29 33.06
N SER B 197 -1.45 -4.28 33.03
CA SER B 197 -0.16 -4.50 32.39
CA SER B 197 -0.13 -4.47 32.45
C SER B 197 -0.34 -4.53 30.88
C SER B 197 -0.18 -4.63 30.92
N TYR B 198 0.38 -3.67 30.19
CA TYR B 198 0.32 -3.61 28.72
C TYR B 198 1.70 -3.71 28.13
N THR B 199 1.90 -4.68 27.23
CA THR B 199 3.19 -4.86 26.58
C THR B 199 3.02 -5.00 25.07
N CYS B 200 3.80 -4.25 24.30
N CYS B 200 3.88 -4.28 24.36
CA CYS B 200 3.93 -4.58 22.89
CA CYS B 200 4.07 -4.43 22.92
C CYS B 200 5.29 -5.24 22.69
C CYS B 200 5.35 -5.25 22.74
N GLU B 201 5.26 -6.40 22.06
CA GLU B 201 6.40 -7.28 21.93
C GLU B 201 6.68 -7.55 20.46
N ALA B 202 7.94 -7.36 20.05
CA ALA B 202 8.33 -7.62 18.67
C ALA B 202 9.41 -8.68 18.56
N THR B 203 9.40 -9.39 17.44
CA THR B 203 10.58 -10.14 17.04
C THR B 203 11.13 -9.54 15.76
N HIS B 204 12.45 -9.56 15.65
CA HIS B 204 13.15 -8.94 14.54
C HIS B 204 14.53 -9.58 14.46
N LYS B 205 15.15 -9.55 13.28
CA LYS B 205 16.47 -10.14 13.09
C LYS B 205 17.52 -9.62 14.09
N THR B 206 17.38 -8.36 14.50
CA THR B 206 18.41 -7.72 15.32
C THR B 206 18.52 -8.23 16.76
N SER B 207 17.57 -9.07 17.19
CA SER B 207 17.66 -9.68 18.51
C SER B 207 17.18 -11.11 18.51
N THR B 208 17.88 -11.98 19.22
CA THR B 208 17.43 -13.36 19.39
C THR B 208 16.22 -13.41 20.30
N SER B 209 16.13 -12.45 21.22
CA SER B 209 15.05 -12.39 22.20
C SER B 209 13.99 -11.37 21.80
N PRO B 210 12.77 -11.48 22.36
CA PRO B 210 11.75 -10.48 22.06
C PRO B 210 12.21 -9.08 22.46
N ILE B 211 11.74 -8.10 21.70
CA ILE B 211 11.96 -6.68 22.00
C ILE B 211 10.65 -6.17 22.59
N VAL B 212 10.70 -5.57 23.78
CA VAL B 212 9.47 -5.22 24.47
C VAL B 212 9.45 -3.78 25.00
N LYS B 213 8.26 -3.19 25.00
CA LYS B 213 8.01 -1.95 25.71
C LYS B 213 6.67 -2.12 26.42
N SER B 214 6.59 -1.60 27.63
CA SER B 214 5.44 -1.84 28.49
C SER B 214 5.04 -0.60 29.27
N PHE B 215 3.82 -0.60 29.76
CA PHE B 215 3.42 0.37 30.78
C PHE B 215 2.41 -0.26 31.73
N ASN B 216 2.26 0.37 32.89
N ASN B 216 2.27 0.38 32.89
CA ASN B 216 1.28 0.01 33.90
CA ASN B 216 1.29 0.02 33.89
C ASN B 216 0.21 1.10 33.91
C ASN B 216 0.22 1.10 33.88
N ARG B 217 -1.03 0.72 33.63
CA ARG B 217 -2.16 1.64 33.61
C ARG B 217 -2.24 2.49 34.87
N ASN B 218 -1.90 1.89 36.01
CA ASN B 218 -2.03 2.56 37.30
C ASN B 218 -0.89 3.54 37.58
N GLU B 219 0.00 3.71 36.60
CA GLU B 219 1.13 4.64 36.67
C GLU B 219 2.11 4.29 37.78
#